data_1HOQ
#
_entry.id   1HOQ
#
_entity_poly.entity_id   1
_entity_poly.type   'polydeoxyribonucleotide/polyribonucleotide hybrid'
_entity_poly.pdbx_seq_one_letter_code
;GGAC(DT)(DT)(DC)(DG)(DG)(DT)(DC)(DC)
;
_entity_poly.pdbx_strand_id   A
#
loop_
_chem_comp.id
_chem_comp.type
_chem_comp.name
_chem_comp.formula
A RNA linking ADENOSINE-5'-MONOPHOSPHATE 'C10 H14 N5 O7 P'
C RNA linking CYTIDINE-5'-MONOPHOSPHATE 'C9 H14 N3 O8 P'
DC DNA linking 2'-DEOXYCYTIDINE-5'-MONOPHOSPHATE 'C9 H14 N3 O7 P'
DG DNA linking 2'-DEOXYGUANOSINE-5'-MONOPHOSPHATE 'C10 H14 N5 O7 P'
DT DNA linking THYMIDINE-5'-MONOPHOSPHATE 'C10 H15 N2 O8 P'
G RNA linking GUANOSINE-5'-MONOPHOSPHATE 'C10 H14 N5 O8 P'
#